data_7JRL
#
_entry.id   7JRL
#
_cell.length_a   150.120
_cell.length_b   51.360
_cell.length_c   78.190
_cell.angle_alpha   90.000
_cell.angle_beta   115.470
_cell.angle_gamma   90.000
#
_symmetry.space_group_name_H-M   'C 1 2 1'
#
loop_
_entity.id
_entity.type
_entity.pdbx_description
1 polymer 'F5/8 type C domain protein'
2 non-polymer 'CALCIUM ION'
3 non-polymer 2-acetamido-2-deoxy-beta-D-glucopyranose
4 non-polymer 1,2-ETHANEDIOL
5 non-polymer 'PHOSPHATE ION'
6 non-polymer 2-AMINO-2-HYDROXYMETHYL-PROPANE-1,3-DIOL
7 water water
#
_entity_poly.entity_id   1
_entity_poly.type   'polypeptide(L)'
_entity_poly.pdbx_seq_one_letter_code
;MGSSHHHHHHSSGLVPRGSHMASTLSSKPIIKGENLAYSMDEKVDLMKGITATDIEDGNITSKVQIKSSDFVEGKSGIFT
VVYSVTDSDGLTSECSRTIAVTDKETQLSDLNWKSATIGSGSVRKDRAVSGNQIRLLNEDNSVETFAKGIGTHSYSEIVY
NSEGYDIFDTWVGIDRHVADKKVSSVKFKVYVDGELKAETDVMRIDTPKKRLVVDVRNSKEIKLVVDVADNGNNWDHADW
ADAKFRNLAEYDASELNKAIEEAKKLDLNNYTEESSEALKNAISKGEEALLSKDKETINSALEELNKEMNSLVKVDLNAV
INIPDKYLLKSIQNQLNKTGDITLGDMYSLTTLTLSGVEDLTGLENAKNLETLNMDYNEVKDLRPLSKLKKLNTLNAQEQ
FIAAGELKPSNGKVIGDSKVYNREGKNVAKTIRVVDKNGNTILEQDAKDEFTINTKDLSSGLYGVHVLFEDEGFSGVMFY
LFNV
;
_entity_poly.pdbx_strand_id   A
#
loop_
_chem_comp.id
_chem_comp.type
_chem_comp.name
_chem_comp.formula
CA non-polymer 'CALCIUM ION' 'Ca 2'
EDO non-polymer 1,2-ETHANEDIOL 'C2 H6 O2'
NAG D-saccharide, beta linking 2-acetamido-2-deoxy-beta-D-glucopyranose 'C8 H15 N O6'
PO4 non-polymer 'PHOSPHATE ION' 'O4 P -3'
TRS non-polymer 2-AMINO-2-HYDROXYMETHYL-PROPANE-1,3-DIOL 'C4 H12 N O3 1'
#
# COMPACT_ATOMS: atom_id res chain seq x y z
N LYS A 28 -46.62 14.78 -10.34
CA LYS A 28 -46.20 16.02 -11.03
C LYS A 28 -44.87 16.52 -10.46
N PRO A 29 -44.07 15.69 -9.74
CA PRO A 29 -42.82 16.16 -9.17
C PRO A 29 -41.78 16.47 -10.24
N ILE A 30 -40.82 17.35 -9.90
CA ILE A 30 -39.73 17.69 -10.78
C ILE A 30 -38.44 17.11 -10.20
N ILE A 31 -37.78 16.26 -10.99
CA ILE A 31 -36.55 15.61 -10.55
C ILE A 31 -35.45 16.05 -11.51
N LYS A 32 -34.31 16.50 -10.95
CA LYS A 32 -33.24 17.06 -11.77
C LYS A 32 -31.89 16.49 -11.37
N GLY A 33 -30.99 16.42 -12.37
CA GLY A 33 -29.63 15.97 -12.15
C GLY A 33 -28.81 16.13 -13.42
N GLU A 34 -27.56 16.57 -13.27
CA GLU A 34 -26.71 16.86 -14.42
C GLU A 34 -25.54 15.89 -14.46
N ASN A 35 -24.89 15.84 -15.62
CA ASN A 35 -23.79 14.91 -15.78
C ASN A 35 -22.62 15.27 -14.87
N LEU A 36 -21.92 14.23 -14.40
CA LEU A 36 -20.82 14.40 -13.47
C LEU A 36 -19.59 13.67 -14.00
N ALA A 37 -18.43 14.01 -13.41
CA ALA A 37 -17.21 13.26 -13.67
C ALA A 37 -16.39 13.18 -12.39
N TYR A 38 -15.75 12.02 -12.20
CA TYR A 38 -14.83 11.79 -11.10
C TYR A 38 -13.54 11.21 -11.65
N SER A 39 -12.45 11.36 -10.90
CA SER A 39 -11.20 10.69 -11.24
C SER A 39 -11.16 9.31 -10.60
N MET A 40 -10.12 8.54 -10.92
CA MET A 40 -10.05 7.17 -10.44
C MET A 40 -9.91 7.10 -8.92
N ASP A 41 -9.39 8.17 -8.33
CA ASP A 41 -9.05 8.22 -6.91
C ASP A 41 -10.27 8.54 -6.06
N GLU A 42 -11.35 9.01 -6.68
CA GLU A 42 -12.45 9.60 -5.95
C GLU A 42 -13.58 8.59 -5.74
N LYS A 43 -14.34 8.82 -4.67
CA LYS A 43 -15.46 7.97 -4.37
C LYS A 43 -16.71 8.58 -5.01
N VAL A 44 -17.32 7.79 -5.91
CA VAL A 44 -18.52 8.27 -6.60
C VAL A 44 -19.69 8.30 -5.61
N ASP A 45 -20.44 9.41 -5.63
CA ASP A 45 -21.71 9.53 -4.95
C ASP A 45 -22.81 9.55 -6.00
N LEU A 46 -23.52 8.42 -6.13
CA LEU A 46 -24.54 8.29 -7.17
C LEU A 46 -25.65 9.34 -7.03
N MET A 47 -25.82 9.90 -5.82
CA MET A 47 -26.91 10.83 -5.57
C MET A 47 -26.44 12.28 -5.63
N LYS A 48 -25.15 12.49 -5.92
CA LYS A 48 -24.61 13.84 -5.87
C LYS A 48 -25.31 14.74 -6.89
N GLY A 49 -25.86 15.85 -6.41
CA GLY A 49 -26.49 16.84 -7.28
C GLY A 49 -27.88 16.45 -7.78
N ILE A 50 -28.46 15.37 -7.25
CA ILE A 50 -29.83 15.00 -7.60
C ILE A 50 -30.77 15.71 -6.64
N THR A 51 -31.79 16.35 -7.21
CA THR A 51 -32.79 17.02 -6.40
C THR A 51 -34.19 16.67 -6.92
N ALA A 52 -35.17 16.73 -6.01
CA ALA A 52 -36.57 16.54 -6.38
C ALA A 52 -37.44 17.48 -5.55
N THR A 53 -38.38 18.14 -6.23
CA THR A 53 -39.34 19.03 -5.60
C THR A 53 -40.75 18.68 -6.08
N ASP A 54 -41.75 19.10 -5.29
CA ASP A 54 -43.15 18.91 -5.62
C ASP A 54 -43.93 20.07 -5.02
N ILE A 55 -44.71 20.77 -5.85
CA ILE A 55 -45.48 21.93 -5.42
C ILE A 55 -46.28 21.58 -4.18
N GLU A 56 -46.90 20.40 -4.19
CA GLU A 56 -47.73 19.91 -3.09
C GLU A 56 -46.86 19.40 -1.95
N ASP A 57 -45.88 18.55 -2.29
CA ASP A 57 -45.13 17.75 -1.32
C ASP A 57 -43.95 18.55 -0.76
N GLY A 58 -43.49 19.55 -1.51
CA GLY A 58 -42.29 20.30 -1.16
C GLY A 58 -41.02 19.68 -1.74
N ASN A 59 -39.94 19.71 -0.95
CA ASN A 59 -38.66 19.11 -1.29
C ASN A 59 -38.70 17.63 -0.90
N ILE A 60 -38.58 16.75 -1.91
CA ILE A 60 -38.62 15.31 -1.68
C ILE A 60 -37.36 14.66 -2.27
N THR A 61 -36.23 15.33 -2.12
CA THR A 61 -34.94 14.82 -2.56
C THR A 61 -34.64 13.50 -1.86
N SER A 62 -34.99 13.41 -0.57
CA SER A 62 -34.67 12.23 0.22
C SER A 62 -35.51 11.04 -0.21
N LYS A 63 -36.52 11.29 -1.06
CA LYS A 63 -37.42 10.25 -1.51
C LYS A 63 -36.95 9.67 -2.84
N VAL A 64 -35.88 10.24 -3.41
CA VAL A 64 -35.39 9.81 -4.72
C VAL A 64 -34.71 8.45 -4.59
N GLN A 65 -35.00 7.58 -5.57
CA GLN A 65 -34.41 6.25 -5.62
C GLN A 65 -33.72 6.07 -6.97
N ILE A 66 -32.74 5.17 -7.00
CA ILE A 66 -32.12 4.79 -8.25
C ILE A 66 -32.98 3.72 -8.91
N LYS A 67 -33.48 4.01 -10.11
CA LYS A 67 -34.31 3.06 -10.82
C LYS A 67 -33.44 2.00 -11.48
N SER A 68 -32.33 2.44 -12.09
CA SER A 68 -31.44 1.54 -12.81
C SER A 68 -30.08 2.21 -13.02
N SER A 69 -29.04 1.40 -13.21
CA SER A 69 -27.73 1.95 -13.54
C SER A 69 -26.85 0.85 -14.07
N ASP A 70 -25.85 1.21 -14.87
CA ASP A 70 -24.80 0.28 -15.22
C ASP A 70 -23.53 0.55 -14.40
N PHE A 71 -23.67 1.28 -13.29
CA PHE A 71 -22.50 1.66 -12.52
C PHE A 71 -21.84 0.45 -11.86
N VAL A 72 -20.51 0.38 -12.00
CA VAL A 72 -19.67 -0.59 -11.32
C VAL A 72 -18.59 0.21 -10.59
N GLU A 73 -18.44 0.00 -9.27
CA GLU A 73 -17.36 0.66 -8.55
C GLU A 73 -16.01 0.13 -9.05
N GLY A 74 -14.98 1.01 -9.10
CA GLY A 74 -13.63 0.53 -9.43
C GLY A 74 -13.41 0.39 -10.93
N LYS A 75 -14.36 0.87 -11.73
CA LYS A 75 -14.30 0.72 -13.17
C LYS A 75 -14.29 2.11 -13.80
N SER A 76 -13.44 2.29 -14.82
CA SER A 76 -13.45 3.52 -15.61
C SER A 76 -14.51 3.38 -16.69
N GLY A 77 -15.32 4.42 -16.86
CA GLY A 77 -16.36 4.35 -17.86
C GLY A 77 -17.26 5.57 -17.81
N ILE A 78 -18.22 5.62 -18.74
CA ILE A 78 -19.24 6.66 -18.68
C ILE A 78 -20.56 5.98 -18.37
N PHE A 79 -20.98 6.08 -17.09
CA PHE A 79 -22.08 5.28 -16.58
C PHE A 79 -23.38 6.08 -16.67
N THR A 80 -24.50 5.36 -16.83
CA THR A 80 -25.81 5.98 -16.84
C THR A 80 -26.55 5.61 -15.57
N VAL A 81 -27.24 6.58 -14.97
CA VAL A 81 -28.09 6.32 -13.82
C VAL A 81 -29.45 6.96 -14.09
N VAL A 82 -30.52 6.16 -13.90
CA VAL A 82 -31.89 6.64 -13.97
C VAL A 82 -32.44 6.73 -12.55
N TYR A 83 -33.05 7.87 -12.24
CA TYR A 83 -33.58 8.18 -10.93
C TYR A 83 -35.10 8.32 -11.04
N SER A 84 -35.80 7.91 -9.97
CA SER A 84 -37.24 7.94 -9.93
C SER A 84 -37.70 8.57 -8.61
N VAL A 85 -38.83 9.28 -8.65
CA VAL A 85 -39.43 9.79 -7.43
C VAL A 85 -40.95 9.76 -7.56
N THR A 86 -41.61 9.51 -6.41
CA THR A 86 -43.04 9.35 -6.30
C THR A 86 -43.53 10.16 -5.10
N ASP A 87 -44.52 11.03 -5.33
CA ASP A 87 -45.00 12.00 -4.35
C ASP A 87 -46.10 11.41 -3.47
N SER A 88 -46.86 12.32 -2.81
CA SER A 88 -47.95 12.00 -1.91
C SER A 88 -49.07 11.26 -2.62
N ASP A 89 -49.36 11.69 -3.86
CA ASP A 89 -50.52 11.23 -4.62
C ASP A 89 -50.12 10.11 -5.56
N GLY A 90 -48.90 9.58 -5.39
CA GLY A 90 -48.40 8.45 -6.16
C GLY A 90 -48.12 8.80 -7.62
N LEU A 91 -47.81 10.08 -7.88
CA LEU A 91 -47.35 10.49 -9.20
C LEU A 91 -45.83 10.37 -9.26
N THR A 92 -45.32 9.86 -10.39
CA THR A 92 -43.92 9.44 -10.52
C THR A 92 -43.22 10.23 -11.62
N SER A 93 -42.01 10.73 -11.33
CA SER A 93 -41.18 11.43 -12.30
C SER A 93 -39.80 10.78 -12.35
N GLU A 94 -39.18 10.81 -13.54
CA GLU A 94 -37.87 10.22 -13.73
C GLU A 94 -36.88 11.22 -14.35
N CYS A 95 -35.59 10.98 -14.11
CA CYS A 95 -34.57 11.64 -14.92
C CYS A 95 -33.35 10.74 -15.05
N SER A 96 -32.46 11.10 -15.98
CA SER A 96 -31.26 10.33 -16.27
C SER A 96 -30.07 11.27 -16.41
N ARG A 97 -28.91 10.86 -15.90
CA ARG A 97 -27.67 11.57 -16.16
C ARG A 97 -26.51 10.58 -16.16
N THR A 98 -25.38 11.05 -16.70
CA THR A 98 -24.20 10.19 -16.74
C THR A 98 -23.21 10.58 -15.65
N ILE A 99 -22.45 9.57 -15.22
CA ILE A 99 -21.35 9.80 -14.31
C ILE A 99 -20.13 9.15 -14.94
N ALA A 100 -19.13 9.97 -15.29
CA ALA A 100 -17.90 9.49 -15.88
C ALA A 100 -16.85 9.26 -14.79
N VAL A 101 -16.09 8.18 -14.94
CA VAL A 101 -14.96 7.90 -14.06
C VAL A 101 -13.73 7.77 -14.94
N THR A 102 -12.84 8.78 -14.83
CA THR A 102 -11.78 9.00 -15.81
C THR A 102 -10.41 9.02 -15.13
N ASP A 103 -9.36 9.00 -15.96
CA ASP A 103 -7.99 9.06 -15.46
C ASP A 103 -7.28 10.30 -16.00
N LYS A 104 -6.56 10.17 -17.15
CA LYS A 104 -5.70 11.24 -17.62
C LYS A 104 -6.52 12.42 -18.14
N GLU A 105 -6.02 13.61 -17.81
CA GLU A 105 -6.66 14.87 -18.19
C GLU A 105 -5.73 15.70 -19.06
N THR A 106 -6.34 16.44 -19.99
CA THR A 106 -5.61 17.33 -20.87
C THR A 106 -6.27 18.70 -20.82
N GLN A 107 -5.56 19.71 -20.32
CA GLN A 107 -6.13 21.05 -20.24
C GLN A 107 -6.22 21.68 -21.62
N LEU A 108 -7.36 22.33 -21.91
CA LEU A 108 -7.50 22.96 -23.21
C LEU A 108 -6.43 24.05 -23.36
N SER A 109 -6.02 24.70 -22.26
CA SER A 109 -5.01 25.74 -22.36
C SER A 109 -3.64 25.18 -22.74
N ASP A 110 -3.48 23.85 -22.70
CA ASP A 110 -2.23 23.20 -23.09
C ASP A 110 -2.29 22.73 -24.54
N LEU A 111 -3.42 23.00 -25.21
CA LEU A 111 -3.60 22.69 -26.62
C LEU A 111 -3.70 23.99 -27.43
N ASN A 112 -3.58 23.87 -28.75
CA ASN A 112 -3.89 24.98 -29.64
C ASN A 112 -5.29 24.80 -30.20
N TRP A 113 -6.06 25.89 -30.23
CA TRP A 113 -7.37 25.85 -30.86
C TRP A 113 -7.22 25.85 -32.38
N LYS A 114 -8.24 25.32 -33.05
CA LYS A 114 -8.32 25.46 -34.50
C LYS A 114 -8.67 26.89 -34.88
N SER A 115 -9.57 27.52 -34.10
CA SER A 115 -10.04 28.87 -34.38
C SER A 115 -10.58 29.48 -33.09
N ALA A 116 -10.54 30.80 -33.04
CA ALA A 116 -11.02 31.50 -31.85
C ALA A 116 -11.48 32.89 -32.28
N THR A 117 -12.71 33.21 -31.88
CA THR A 117 -13.22 34.57 -31.97
C THR A 117 -13.53 35.09 -30.57
N ILE A 118 -13.60 36.42 -30.44
CA ILE A 118 -13.77 37.07 -29.13
C ILE A 118 -14.28 38.49 -29.38
N GLY A 119 -15.19 38.96 -28.52
CA GLY A 119 -15.83 40.26 -28.77
C GLY A 119 -14.98 41.47 -28.44
N SER A 120 -14.05 41.31 -27.49
CA SER A 120 -13.22 42.39 -27.00
C SER A 120 -11.96 41.74 -26.41
N GLY A 121 -10.79 42.35 -26.64
CA GLY A 121 -9.56 41.77 -26.15
C GLY A 121 -9.11 40.55 -26.97
N SER A 122 -8.28 39.74 -26.33
CA SER A 122 -7.67 38.56 -26.93
C SER A 122 -7.98 37.38 -26.04
N VAL A 123 -8.26 36.22 -26.66
CA VAL A 123 -8.39 35.00 -25.87
C VAL A 123 -7.08 34.70 -25.16
N ARG A 124 -7.16 34.41 -23.84
CA ARG A 124 -5.96 34.14 -23.06
C ARG A 124 -5.93 32.70 -22.57
N LYS A 125 -4.76 32.07 -22.67
CA LYS A 125 -4.51 30.78 -22.05
C LYS A 125 -4.05 31.00 -20.60
N ASP A 126 -4.80 30.40 -19.64
CA ASP A 126 -4.45 30.38 -18.23
C ASP A 126 -4.53 31.74 -17.55
N ARG A 127 -5.26 32.68 -18.16
CA ARG A 127 -5.53 33.97 -17.54
C ARG A 127 -6.89 34.42 -18.04
N ALA A 128 -7.50 35.36 -17.31
CA ALA A 128 -8.71 36.02 -17.75
C ALA A 128 -8.38 36.96 -18.92
N VAL A 129 -9.43 37.41 -19.63
CA VAL A 129 -9.23 38.28 -20.78
C VAL A 129 -8.53 39.59 -20.37
N SER A 130 -8.71 40.01 -19.11
CA SER A 130 -8.07 41.22 -18.60
C SER A 130 -6.57 41.01 -18.35
N GLY A 131 -6.11 39.75 -18.37
CA GLY A 131 -4.72 39.42 -18.04
C GLY A 131 -4.53 39.05 -16.58
N ASN A 132 -5.58 39.23 -15.76
CA ASN A 132 -5.54 38.84 -14.36
C ASN A 132 -5.76 37.32 -14.26
N GLN A 133 -5.55 36.78 -13.07
CA GLN A 133 -5.84 35.37 -12.84
C GLN A 133 -7.30 35.05 -13.12
N ILE A 134 -7.55 33.82 -13.62
CA ILE A 134 -8.92 33.33 -13.76
C ILE A 134 -9.57 33.23 -12.38
N ARG A 135 -10.70 33.95 -12.19
CA ARG A 135 -11.39 33.94 -10.91
C ARG A 135 -12.90 33.86 -11.14
N LEU A 136 -13.56 32.92 -10.46
CA LEU A 136 -15.01 32.78 -10.54
C LEU A 136 -15.62 32.81 -9.14
N LEU A 137 -16.94 32.90 -9.08
CA LEU A 137 -17.66 32.90 -7.82
C LEU A 137 -18.08 31.47 -7.41
N ASN A 138 -17.87 31.16 -6.13
CA ASN A 138 -18.30 29.90 -5.53
C ASN A 138 -19.72 30.02 -4.99
N GLU A 139 -20.36 28.86 -4.78
CA GLU A 139 -21.71 28.79 -4.25
C GLU A 139 -21.83 29.52 -2.92
N ASP A 140 -20.75 29.46 -2.11
CA ASP A 140 -20.75 30.10 -0.79
C ASP A 140 -20.33 31.57 -0.85
N ASN A 141 -20.22 32.13 -2.06
CA ASN A 141 -19.89 33.53 -2.34
C ASN A 141 -18.42 33.88 -2.06
N SER A 142 -17.58 32.89 -1.74
CA SER A 142 -16.14 33.07 -1.84
C SER A 142 -15.73 33.07 -3.31
N VAL A 143 -14.49 33.49 -3.58
CA VAL A 143 -13.96 33.54 -4.93
C VAL A 143 -12.99 32.38 -5.12
N GLU A 144 -13.13 31.66 -6.25
CA GLU A 144 -12.22 30.60 -6.61
C GLU A 144 -11.21 31.12 -7.63
N THR A 145 -9.91 31.04 -7.28
CA THR A 145 -8.86 31.45 -8.19
C THR A 145 -8.25 30.20 -8.82
N PHE A 146 -8.16 30.19 -10.15
CA PHE A 146 -7.72 29.01 -10.89
C PHE A 146 -6.35 29.26 -11.51
N ALA A 147 -5.54 28.19 -11.57
CA ALA A 147 -4.28 28.23 -12.28
C ALA A 147 -4.51 28.09 -13.79
N LYS A 148 -5.54 27.34 -14.18
CA LYS A 148 -5.67 26.92 -15.57
C LYS A 148 -7.08 27.20 -16.12
N GLY A 149 -7.11 27.52 -17.42
CA GLY A 149 -8.37 27.63 -18.15
C GLY A 149 -8.23 28.57 -19.34
N ILE A 150 -9.37 28.99 -19.89
CA ILE A 150 -9.38 29.88 -21.04
C ILE A 150 -10.18 31.13 -20.68
N GLY A 151 -9.53 32.30 -20.84
CA GLY A 151 -10.20 33.56 -20.58
C GLY A 151 -10.67 34.17 -21.91
N THR A 152 -11.98 34.44 -21.99
CA THR A 152 -12.51 35.03 -23.20
C THR A 152 -13.53 36.13 -22.85
N HIS A 153 -14.29 36.55 -23.85
CA HIS A 153 -15.21 37.68 -23.74
C HIS A 153 -16.28 37.47 -24.81
N SER A 154 -17.55 37.67 -24.43
CA SER A 154 -18.59 37.52 -25.44
C SER A 154 -18.45 38.59 -26.52
N TYR A 155 -18.96 38.34 -27.74
CA TYR A 155 -19.35 37.04 -28.30
C TYR A 155 -18.10 36.25 -28.68
N SER A 156 -18.07 34.95 -28.35
CA SER A 156 -16.87 34.16 -28.56
C SER A 156 -17.22 32.75 -29.02
N GLU A 157 -16.50 32.26 -30.06
CA GLU A 157 -16.53 30.86 -30.42
C GLU A 157 -15.09 30.36 -30.50
N ILE A 158 -14.77 29.31 -29.74
CA ILE A 158 -13.43 28.74 -29.80
C ILE A 158 -13.57 27.25 -30.11
N VAL A 159 -12.89 26.80 -31.17
CA VAL A 159 -13.01 25.44 -31.67
C VAL A 159 -11.73 24.67 -31.40
N TYR A 160 -11.87 23.45 -30.83
CA TYR A 160 -10.72 22.56 -30.64
C TYR A 160 -10.96 21.24 -31.37
N ASN A 161 -9.86 20.66 -31.84
CA ASN A 161 -9.82 19.27 -32.23
C ASN A 161 -10.07 18.40 -31.00
N SER A 162 -11.16 17.62 -31.04
CA SER A 162 -11.56 16.79 -29.91
C SER A 162 -11.36 15.31 -30.20
N GLU A 163 -10.58 14.97 -31.24
CA GLU A 163 -10.41 13.58 -31.60
C GLU A 163 -9.66 12.81 -30.51
N GLY A 164 -10.19 11.64 -30.15
CA GLY A 164 -9.50 10.74 -29.24
C GLY A 164 -9.75 11.03 -27.77
N TYR A 165 -10.67 11.97 -27.48
CA TYR A 165 -10.99 12.25 -26.09
C TYR A 165 -12.38 11.70 -25.74
N ASP A 166 -12.60 11.47 -24.44
CA ASP A 166 -13.86 10.89 -23.99
C ASP A 166 -14.83 11.93 -23.41
N ILE A 167 -14.34 12.78 -22.49
CA ILE A 167 -15.16 13.72 -21.74
C ILE A 167 -14.53 15.09 -21.85
N PHE A 168 -15.39 16.09 -21.98
CA PHE A 168 -14.98 17.47 -21.74
C PHE A 168 -15.64 17.96 -20.46
N ASP A 169 -14.84 18.66 -19.63
CA ASP A 169 -15.27 19.12 -18.31
C ASP A 169 -14.77 20.54 -18.11
N THR A 170 -15.64 21.41 -17.58
CA THR A 170 -15.24 22.78 -17.32
C THR A 170 -16.11 23.40 -16.25
N TRP A 171 -15.56 24.43 -15.58
CA TRP A 171 -16.36 25.40 -14.85
C TRP A 171 -16.53 26.60 -15.76
N VAL A 172 -17.66 27.29 -15.61
CA VAL A 172 -17.88 28.53 -16.34
C VAL A 172 -18.51 29.57 -15.42
N GLY A 173 -18.26 30.84 -15.76
CA GLY A 173 -18.94 31.95 -15.10
C GLY A 173 -18.31 33.29 -15.52
N ILE A 174 -18.84 34.37 -14.94
CA ILE A 174 -18.31 35.71 -15.22
C ILE A 174 -17.05 35.91 -14.39
N ASP A 175 -15.99 36.36 -15.07
CA ASP A 175 -14.71 36.59 -14.40
C ASP A 175 -14.83 37.66 -13.32
N ARG A 176 -14.13 37.47 -12.20
CA ARG A 176 -14.29 38.40 -11.08
C ARG A 176 -13.67 39.77 -11.35
N HIS A 177 -12.85 39.91 -12.40
CA HIS A 177 -12.33 41.25 -12.69
C HIS A 177 -13.44 42.29 -12.84
N VAL A 178 -14.61 41.87 -13.35
CA VAL A 178 -15.70 42.79 -13.62
C VAL A 178 -16.76 42.77 -12.51
N ALA A 179 -16.35 42.41 -11.30
CA ALA A 179 -17.30 42.26 -10.20
C ALA A 179 -18.06 43.57 -9.90
N ASP A 180 -17.45 44.71 -10.23
CA ASP A 180 -18.06 46.00 -9.94
C ASP A 180 -18.84 46.58 -11.13
N LYS A 181 -18.99 45.82 -12.23
CA LYS A 181 -19.45 46.43 -13.48
C LYS A 181 -20.97 46.37 -13.73
N LYS A 182 -21.71 45.63 -12.89
CA LYS A 182 -23.18 45.59 -12.88
C LYS A 182 -23.81 44.80 -14.04
N VAL A 183 -23.39 45.03 -15.29
CA VAL A 183 -24.18 44.61 -16.45
C VAL A 183 -23.74 43.26 -17.02
N SER A 184 -22.59 42.73 -16.57
CA SER A 184 -22.04 41.54 -17.21
C SER A 184 -23.09 40.42 -17.28
N SER A 185 -23.19 39.76 -18.44
CA SER A 185 -24.19 38.73 -18.61
C SER A 185 -23.86 37.89 -19.84
N VAL A 186 -23.79 36.56 -19.66
CA VAL A 186 -23.45 35.68 -20.78
C VAL A 186 -24.24 34.39 -20.69
N LYS A 187 -24.18 33.63 -21.79
CA LYS A 187 -24.62 32.25 -21.77
C LYS A 187 -23.51 31.39 -22.37
N PHE A 188 -23.19 30.27 -21.68
CA PHE A 188 -22.18 29.34 -22.19
C PHE A 188 -22.86 28.16 -22.88
N LYS A 189 -22.33 27.79 -24.05
CA LYS A 189 -22.86 26.68 -24.83
C LYS A 189 -21.70 25.84 -25.36
N VAL A 190 -21.90 24.51 -25.36
CA VAL A 190 -20.90 23.58 -25.87
C VAL A 190 -21.53 22.78 -27.02
N TYR A 191 -20.90 22.89 -28.20
CA TYR A 191 -21.30 22.16 -29.39
C TYR A 191 -20.28 21.06 -29.71
N VAL A 192 -20.78 19.88 -30.05
CA VAL A 192 -19.92 18.77 -30.43
C VAL A 192 -20.26 18.41 -31.86
N ASP A 193 -19.28 18.52 -32.76
CA ASP A 193 -19.50 18.35 -34.20
C ASP A 193 -20.73 19.12 -34.65
N GLY A 194 -20.89 20.34 -34.14
CA GLY A 194 -21.91 21.25 -34.63
C GLY A 194 -23.27 21.12 -33.94
N GLU A 195 -23.40 20.16 -33.01
CA GLU A 195 -24.67 19.92 -32.31
C GLU A 195 -24.56 20.42 -30.86
N LEU A 196 -25.58 21.17 -30.40
CA LEU A 196 -25.60 21.68 -29.04
C LEU A 196 -25.76 20.51 -28.07
N LYS A 197 -24.82 20.37 -27.13
CA LYS A 197 -24.86 19.24 -26.19
C LYS A 197 -25.01 19.71 -24.75
N ALA A 198 -24.63 20.95 -24.45
CA ALA A 198 -24.74 21.42 -23.07
C ALA A 198 -24.79 22.94 -23.08
N GLU A 199 -25.45 23.53 -22.08
CA GLU A 199 -25.47 24.98 -21.97
C GLU A 199 -25.87 25.36 -20.56
N THR A 200 -25.53 26.61 -20.23
CA THR A 200 -26.03 27.24 -19.01
C THR A 200 -27.25 28.09 -19.33
N ASP A 201 -27.95 28.50 -18.26
CA ASP A 201 -28.82 29.66 -18.29
C ASP A 201 -27.96 30.92 -18.38
N VAL A 202 -28.58 32.10 -18.41
CA VAL A 202 -27.83 33.35 -18.38
C VAL A 202 -27.11 33.44 -17.05
N MET A 203 -25.82 33.74 -17.09
CA MET A 203 -25.03 33.94 -15.90
C MET A 203 -24.67 35.43 -15.81
N ARG A 204 -24.82 35.96 -14.59
CA ARG A 204 -24.51 37.34 -14.28
C ARG A 204 -23.37 37.36 -13.25
N ILE A 205 -22.97 38.56 -12.77
CA ILE A 205 -21.85 38.64 -11.85
C ILE A 205 -22.07 37.79 -10.60
N ASP A 206 -23.30 37.80 -10.07
CA ASP A 206 -23.56 37.13 -8.80
CA ASP A 206 -23.63 37.15 -8.82
C ASP A 206 -23.98 35.67 -8.99
N THR A 207 -23.84 35.14 -10.22
CA THR A 207 -24.19 33.73 -10.42
C THR A 207 -22.99 32.83 -10.08
N PRO A 208 -23.10 31.89 -9.11
CA PRO A 208 -21.98 30.98 -8.84
C PRO A 208 -21.62 30.14 -10.06
N LYS A 209 -20.34 29.77 -10.13
CA LYS A 209 -19.82 28.99 -11.25
C LYS A 209 -20.65 27.72 -11.46
N LYS A 210 -20.82 27.38 -12.75
CA LYS A 210 -21.51 26.17 -13.15
C LYS A 210 -20.55 25.21 -13.84
N ARG A 211 -20.84 23.90 -13.70
CA ARG A 211 -20.03 22.87 -14.33
C ARG A 211 -20.77 22.30 -15.54
N LEU A 212 -20.03 22.04 -16.62
CA LEU A 212 -20.53 21.35 -17.80
C LEU A 212 -19.64 20.13 -18.03
N VAL A 213 -20.27 18.95 -18.09
CA VAL A 213 -19.56 17.68 -18.31
C VAL A 213 -20.21 17.04 -19.54
N VAL A 214 -19.43 16.95 -20.63
CA VAL A 214 -19.98 16.62 -21.93
C VAL A 214 -19.28 15.40 -22.52
N ASP A 215 -20.06 14.45 -23.07
CA ASP A 215 -19.51 13.29 -23.77
C ASP A 215 -19.00 13.73 -25.14
N VAL A 216 -17.69 13.55 -25.39
CA VAL A 216 -17.11 13.95 -26.68
C VAL A 216 -16.53 12.74 -27.41
N ARG A 217 -16.91 11.52 -26.98
CA ARG A 217 -16.36 10.34 -27.63
C ARG A 217 -16.62 10.35 -29.14
N ASN A 218 -15.62 9.91 -29.91
CA ASN A 218 -15.78 9.73 -31.35
C ASN A 218 -16.25 11.03 -32.01
N SER A 219 -15.62 12.15 -31.64
CA SER A 219 -15.96 13.45 -32.20
C SER A 219 -14.74 14.04 -32.91
N LYS A 220 -14.95 15.13 -33.66
CA LYS A 220 -13.87 15.79 -34.38
C LYS A 220 -13.64 17.19 -33.84
N GLU A 221 -14.72 17.92 -33.53
CA GLU A 221 -14.56 19.27 -33.01
C GLU A 221 -15.50 19.49 -31.82
N ILE A 222 -14.96 20.24 -30.85
CA ILE A 222 -15.81 20.88 -29.86
C ILE A 222 -15.74 22.40 -30.08
N LYS A 223 -16.90 23.06 -29.93
CA LYS A 223 -16.98 24.50 -30.07
C LYS A 223 -17.53 25.08 -28.78
N LEU A 224 -16.74 25.96 -28.16
CA LEU A 224 -17.09 26.59 -26.91
C LEU A 224 -17.62 28.00 -27.23
N VAL A 225 -18.89 28.25 -26.90
CA VAL A 225 -19.55 29.49 -27.27
C VAL A 225 -19.88 30.29 -26.01
N VAL A 226 -19.50 31.59 -26.02
CA VAL A 226 -20.00 32.52 -25.02
C VAL A 226 -20.88 33.55 -25.73
N ASP A 227 -22.19 33.42 -25.53
CA ASP A 227 -23.15 34.34 -26.13
C ASP A 227 -23.37 35.53 -25.19
N VAL A 228 -23.95 36.62 -25.74
CA VAL A 228 -23.96 37.93 -25.11
C VAL A 228 -25.10 38.15 -24.12
N ALA A 229 -26.15 37.31 -24.14
CA ALA A 229 -27.27 37.54 -23.23
C ALA A 229 -27.76 38.98 -23.37
N ASP A 230 -27.82 39.74 -22.27
CA ASP A 230 -28.38 41.08 -22.26
C ASP A 230 -27.27 42.13 -22.32
N ASN A 231 -27.65 43.38 -22.59
CA ASN A 231 -26.72 44.51 -22.62
C ASN A 231 -25.53 44.22 -23.53
N GLY A 232 -25.80 43.56 -24.66
CA GLY A 232 -24.75 43.31 -25.64
C GLY A 232 -23.58 42.61 -24.95
N ASN A 233 -22.37 42.94 -25.40
CA ASN A 233 -21.18 42.27 -24.88
C ASN A 233 -20.56 43.03 -23.71
N ASN A 234 -21.19 44.11 -23.24
CA ASN A 234 -20.53 45.03 -22.32
C ASN A 234 -20.07 44.31 -21.05
N TRP A 235 -18.74 44.39 -20.77
CA TRP A 235 -18.11 43.82 -19.58
C TRP A 235 -18.33 42.30 -19.45
N ASP A 236 -18.54 41.61 -20.58
CA ASP A 236 -18.82 40.17 -20.54
C ASP A 236 -17.52 39.36 -20.51
N HIS A 237 -16.73 39.56 -19.44
CA HIS A 237 -15.52 38.78 -19.23
C HIS A 237 -15.91 37.40 -18.73
N ALA A 238 -15.56 36.37 -19.50
CA ALA A 238 -16.11 35.03 -19.31
C ALA A 238 -14.97 34.01 -19.29
N ASP A 239 -14.99 33.08 -18.31
CA ASP A 239 -13.92 32.09 -18.21
C ASP A 239 -14.48 30.67 -18.39
N TRP A 240 -13.69 29.86 -19.10
CA TRP A 240 -13.81 28.41 -19.10
C TRP A 240 -12.71 27.90 -18.16
N ALA A 241 -13.04 27.81 -16.88
CA ALA A 241 -11.99 27.56 -15.87
C ALA A 241 -11.75 26.06 -15.73
N ASP A 242 -10.48 25.66 -15.74
CA ASP A 242 -10.09 24.26 -15.63
C ASP A 242 -10.73 23.45 -16.77
N ALA A 243 -10.93 24.09 -17.93
CA ALA A 243 -11.52 23.41 -19.08
C ALA A 243 -10.55 22.34 -19.58
N LYS A 244 -11.05 21.10 -19.65
CA LYS A 244 -10.13 20.00 -19.90
C LYS A 244 -10.86 18.80 -20.51
N PHE A 245 -10.09 18.02 -21.25
CA PHE A 245 -10.55 16.70 -21.64
C PHE A 245 -10.15 15.68 -20.57
N ARG A 246 -10.98 14.65 -20.41
CA ARG A 246 -10.73 13.58 -19.44
C ARG A 246 -10.94 12.27 -20.17
N ASN A 247 -9.99 11.34 -20.05
CA ASN A 247 -10.10 10.09 -20.78
C ASN A 247 -10.26 8.90 -19.85
N LEU A 248 -10.88 7.85 -20.39
CA LEU A 248 -11.02 6.63 -19.61
C LEU A 248 -9.65 6.05 -19.27
N ALA A 249 -9.58 5.29 -18.19
CA ALA A 249 -8.32 4.74 -17.74
C ALA A 249 -7.79 3.66 -18.70
N GLU A 250 -6.46 3.56 -18.79
CA GLU A 250 -5.82 2.56 -19.63
C GLU A 250 -5.34 1.38 -18.79
N TYR A 251 -5.80 1.32 -17.55
CA TYR A 251 -5.54 0.20 -16.65
C TYR A 251 -6.83 -0.10 -15.90
N ASP A 252 -6.85 -1.24 -15.20
CA ASP A 252 -7.98 -1.54 -14.33
C ASP A 252 -7.43 -2.32 -13.13
N ALA A 253 -7.81 -1.89 -11.94
CA ALA A 253 -7.29 -2.46 -10.71
C ALA A 253 -8.19 -3.55 -10.15
N SER A 254 -9.30 -3.88 -10.83
CA SER A 254 -10.35 -4.70 -10.24
C SER A 254 -9.92 -6.14 -10.01
N GLU A 255 -9.25 -6.75 -11.00
CA GLU A 255 -8.84 -8.13 -10.80
C GLU A 255 -7.78 -8.24 -9.72
N LEU A 256 -6.87 -7.28 -9.65
CA LEU A 256 -5.86 -7.34 -8.60
C LEU A 256 -6.51 -7.13 -7.23
N ASN A 257 -7.49 -6.22 -7.13
CA ASN A 257 -8.22 -6.05 -5.89
C ASN A 257 -8.83 -7.39 -5.46
N LYS A 258 -9.46 -8.10 -6.39
CA LYS A 258 -10.13 -9.35 -6.05
C LYS A 258 -9.14 -10.38 -5.56
N ALA A 259 -7.98 -10.46 -6.22
CA ALA A 259 -6.98 -11.46 -5.87
C ALA A 259 -6.43 -11.19 -4.47
N ILE A 260 -6.25 -9.90 -4.14
CA ILE A 260 -5.74 -9.51 -2.83
C ILE A 260 -6.75 -9.96 -1.77
N GLU A 261 -8.05 -9.74 -2.04
CA GLU A 261 -9.09 -10.11 -1.10
C GLU A 261 -9.11 -11.62 -0.92
N GLU A 262 -9.03 -12.36 -2.04
CA GLU A 262 -9.05 -13.81 -2.04
C GLU A 262 -7.88 -14.34 -1.21
N ALA A 263 -6.72 -13.71 -1.34
CA ALA A 263 -5.50 -14.19 -0.71
C ALA A 263 -5.60 -14.01 0.81
N LYS A 264 -6.20 -12.88 1.21
CA LYS A 264 -6.36 -12.51 2.61
C LYS A 264 -7.35 -13.42 3.33
N LYS A 265 -8.21 -14.12 2.57
CA LYS A 265 -9.19 -15.02 3.17
C LYS A 265 -8.52 -16.29 3.70
N LEU A 266 -7.37 -16.66 3.11
CA LEU A 266 -6.73 -17.93 3.40
C LEU A 266 -6.12 -17.93 4.80
N ASP A 267 -6.28 -19.07 5.48
CA ASP A 267 -5.75 -19.32 6.81
C ASP A 267 -4.31 -19.82 6.67
N LEU A 268 -3.37 -18.92 6.98
CA LEU A 268 -1.96 -19.17 6.74
C LEU A 268 -1.44 -20.28 7.64
N ASN A 269 -2.27 -20.71 8.61
CA ASN A 269 -1.93 -21.80 9.52
C ASN A 269 -2.05 -23.15 8.82
N ASN A 270 -2.70 -23.18 7.65
CA ASN A 270 -2.83 -24.40 6.86
C ASN A 270 -1.54 -24.69 6.10
N TYR A 271 -0.62 -23.71 6.04
CA TYR A 271 0.46 -23.76 5.05
C TYR A 271 1.81 -23.60 5.75
N THR A 272 2.87 -24.08 5.08
CA THR A 272 4.24 -24.00 5.57
C THR A 272 4.63 -22.54 5.79
N GLU A 273 5.53 -22.32 6.75
CA GLU A 273 6.02 -21.00 7.10
C GLU A 273 6.55 -20.30 5.85
N GLU A 274 7.34 -21.04 5.08
CA GLU A 274 8.04 -20.50 3.93
C GLU A 274 7.03 -20.06 2.87
N SER A 275 6.04 -20.91 2.58
CA SER A 275 5.12 -20.61 1.50
C SER A 275 4.12 -19.53 1.91
N SER A 276 3.75 -19.49 3.19
CA SER A 276 2.90 -18.45 3.74
CA SER A 276 2.90 -18.45 3.73
C SER A 276 3.61 -17.10 3.67
N GLU A 277 4.93 -17.09 3.89
CA GLU A 277 5.69 -15.86 3.84
C GLU A 277 5.69 -15.31 2.42
N ALA A 278 5.88 -16.21 1.45
CA ALA A 278 5.90 -15.82 0.05
C ALA A 278 4.57 -15.16 -0.30
N LEU A 279 3.47 -15.73 0.20
CA LEU A 279 2.14 -15.20 -0.11
C LEU A 279 1.95 -13.83 0.55
N LYS A 280 2.33 -13.71 1.83
CA LYS A 280 2.25 -12.45 2.54
C LYS A 280 2.96 -11.36 1.76
N ASN A 281 4.13 -11.68 1.20
CA ASN A 281 4.94 -10.73 0.46
C ASN A 281 4.23 -10.34 -0.85
N ALA A 282 3.58 -11.31 -1.49
CA ALA A 282 2.88 -11.03 -2.74
C ALA A 282 1.68 -10.13 -2.48
N ILE A 283 1.03 -10.32 -1.33
CA ILE A 283 -0.13 -9.51 -0.98
C ILE A 283 0.31 -8.06 -0.80
N SER A 284 1.43 -7.85 -0.08
CA SER A 284 1.93 -6.51 0.16
C SER A 284 2.33 -5.83 -1.14
N LYS A 285 2.97 -6.58 -2.05
CA LYS A 285 3.34 -6.04 -3.35
C LYS A 285 2.10 -5.69 -4.18
N GLY A 286 1.02 -6.47 -4.03
CA GLY A 286 -0.24 -6.16 -4.69
C GLY A 286 -0.84 -4.83 -4.22
N GLU A 287 -0.86 -4.63 -2.90
CA GLU A 287 -1.37 -3.40 -2.34
C GLU A 287 -0.57 -2.21 -2.87
N GLU A 288 0.76 -2.36 -2.95
CA GLU A 288 1.63 -1.31 -3.45
C GLU A 288 1.36 -1.04 -4.94
N ALA A 289 1.15 -2.10 -5.73
CA ALA A 289 0.98 -1.94 -7.17
C ALA A 289 -0.31 -1.17 -7.51
N LEU A 290 -1.33 -1.28 -6.66
CA LEU A 290 -2.55 -0.51 -6.88
C LEU A 290 -2.22 0.99 -6.99
N LEU A 291 -1.25 1.47 -6.20
CA LEU A 291 -0.95 2.90 -6.17
C LEU A 291 -0.27 3.37 -7.46
N SER A 292 0.29 2.43 -8.23
CA SER A 292 1.01 2.78 -9.45
C SER A 292 0.05 3.31 -10.52
N LYS A 293 -1.22 2.89 -10.48
CA LYS A 293 -2.18 3.24 -11.52
C LYS A 293 -1.60 2.94 -12.90
N ASP A 294 -0.83 1.85 -12.99
CA ASP A 294 -0.09 1.49 -14.20
C ASP A 294 -0.44 0.05 -14.57
N LYS A 295 -0.88 -0.15 -15.82
CA LYS A 295 -1.39 -1.44 -16.23
C LYS A 295 -0.36 -2.56 -16.06
N GLU A 296 0.86 -2.38 -16.58
CA GLU A 296 1.84 -3.45 -16.51
C GLU A 296 2.20 -3.78 -15.07
N THR A 297 2.30 -2.75 -14.21
CA THR A 297 2.69 -2.98 -12.83
C THR A 297 1.60 -3.77 -12.11
N ILE A 298 0.35 -3.38 -12.35
CA ILE A 298 -0.80 -4.03 -11.75
C ILE A 298 -0.86 -5.48 -12.24
N ASN A 299 -0.73 -5.67 -13.56
CA ASN A 299 -0.88 -6.99 -14.12
C ASN A 299 0.21 -7.93 -13.60
N SER A 300 1.42 -7.41 -13.46
CA SER A 300 2.53 -8.23 -12.99
C SER A 300 2.28 -8.64 -11.54
N ALA A 301 1.73 -7.71 -10.73
CA ALA A 301 1.51 -8.02 -9.33
C ALA A 301 0.40 -9.06 -9.18
N LEU A 302 -0.60 -9.00 -10.06
CA LEU A 302 -1.66 -10.00 -10.07
C LEU A 302 -1.08 -11.37 -10.43
N GLU A 303 -0.24 -11.41 -11.48
CA GLU A 303 0.36 -12.67 -11.90
C GLU A 303 1.15 -13.29 -10.73
N GLU A 304 1.94 -12.46 -10.04
CA GLU A 304 2.80 -12.93 -8.96
C GLU A 304 1.96 -13.41 -7.80
N LEU A 305 0.87 -12.69 -7.48
CA LEU A 305 0.01 -13.08 -6.38
C LEU A 305 -0.67 -14.42 -6.68
N ASN A 306 -1.18 -14.59 -7.90
CA ASN A 306 -1.79 -15.84 -8.30
C ASN A 306 -0.78 -16.99 -8.20
N LYS A 307 0.45 -16.72 -8.61
CA LYS A 307 1.53 -17.69 -8.56
C LYS A 307 1.75 -18.13 -7.10
N GLU A 308 1.87 -17.17 -6.18
CA GLU A 308 2.20 -17.53 -4.80
C GLU A 308 1.05 -18.24 -4.13
N MET A 309 -0.18 -17.93 -4.57
CA MET A 309 -1.35 -18.60 -4.04
C MET A 309 -1.31 -20.08 -4.40
N ASN A 310 -1.05 -20.34 -5.69
CA ASN A 310 -0.99 -21.70 -6.22
C ASN A 310 0.23 -22.44 -5.69
N SER A 311 1.22 -21.69 -5.19
CA SER A 311 2.47 -22.27 -4.71
C SER A 311 2.41 -22.66 -3.24
N LEU A 312 1.29 -22.34 -2.56
CA LEU A 312 1.17 -22.63 -1.13
C LEU A 312 1.32 -24.14 -0.90
N VAL A 313 2.04 -24.49 0.17
CA VAL A 313 2.23 -25.89 0.53
C VAL A 313 1.54 -26.14 1.88
N LYS A 314 0.63 -27.11 1.91
CA LYS A 314 -0.07 -27.51 3.13
C LYS A 314 0.96 -27.98 4.17
N VAL A 315 0.78 -27.52 5.41
CA VAL A 315 1.64 -27.87 6.53
C VAL A 315 1.35 -29.32 6.94
N ASP A 316 2.38 -30.02 7.42
CA ASP A 316 2.17 -31.34 8.02
C ASP A 316 2.58 -31.30 9.48
N LEU A 317 1.58 -31.04 10.34
CA LEU A 317 1.83 -30.88 11.76
C LEU A 317 2.12 -32.23 12.41
N ASN A 318 2.01 -33.35 11.67
CA ASN A 318 2.28 -34.64 12.28
C ASN A 318 3.66 -35.18 11.89
N ALA A 319 4.40 -34.42 11.07
CA ALA A 319 5.73 -34.88 10.70
C ALA A 319 6.64 -34.88 11.92
N VAL A 320 7.48 -35.90 12.00
CA VAL A 320 8.37 -36.09 13.14
C VAL A 320 9.60 -35.19 12.96
N ILE A 321 9.99 -34.54 14.06
CA ILE A 321 11.17 -33.68 14.09
C ILE A 321 12.36 -34.48 14.59
N ASN A 322 13.49 -34.31 13.90
CA ASN A 322 14.74 -34.90 14.35
C ASN A 322 15.31 -34.09 15.51
N ILE A 323 15.41 -34.73 16.69
CA ILE A 323 15.98 -34.11 17.88
C ILE A 323 17.11 -35.01 18.36
N PRO A 324 18.35 -34.80 17.87
CA PRO A 324 19.46 -35.70 18.17
C PRO A 324 19.93 -35.71 19.62
N ASP A 325 19.75 -34.58 20.33
CA ASP A 325 20.15 -34.51 21.73
C ASP A 325 19.07 -35.17 22.60
N LYS A 326 19.41 -36.28 23.26
CA LYS A 326 18.43 -37.04 24.03
C LYS A 326 17.92 -36.23 25.22
N TYR A 327 18.73 -35.27 25.70
CA TYR A 327 18.29 -34.44 26.82
C TYR A 327 17.34 -33.33 26.36
N LEU A 328 17.54 -32.85 25.13
CA LEU A 328 16.59 -31.90 24.55
C LEU A 328 15.27 -32.62 24.30
N LEU A 329 15.35 -33.84 23.76
CA LEU A 329 14.14 -34.65 23.58
C LEU A 329 13.38 -34.81 24.89
N LYS A 330 14.08 -35.20 25.98
CA LYS A 330 13.44 -35.41 27.27
C LYS A 330 12.86 -34.09 27.79
N SER A 331 13.60 -32.99 27.62
CA SER A 331 13.08 -31.70 28.06
C SER A 331 11.75 -31.36 27.38
N ILE A 332 11.67 -31.58 26.07
CA ILE A 332 10.45 -31.24 25.34
C ILE A 332 9.32 -32.19 25.74
N GLN A 333 9.65 -33.49 25.85
CA GLN A 333 8.66 -34.48 26.24
C GLN A 333 8.07 -34.11 27.59
N ASN A 334 8.92 -33.67 28.53
CA ASN A 334 8.43 -33.31 29.85
C ASN A 334 7.54 -32.07 29.79
N GLN A 335 7.92 -31.07 28.96
CA GLN A 335 7.14 -29.86 28.85
C GLN A 335 5.75 -30.14 28.28
N LEU A 336 5.68 -31.06 27.31
CA LEU A 336 4.43 -31.34 26.61
C LEU A 336 3.64 -32.47 27.27
N ASN A 337 4.25 -33.15 28.24
CA ASN A 337 3.65 -34.30 28.92
C ASN A 337 3.36 -35.41 27.92
N LYS A 338 4.41 -35.89 27.26
CA LYS A 338 4.23 -37.01 26.34
C LYS A 338 5.49 -37.84 26.27
N THR A 339 5.33 -39.07 25.78
CA THR A 339 6.46 -39.93 25.50
C THR A 339 6.56 -40.11 23.98
N GLY A 340 7.73 -40.57 23.52
CA GLY A 340 7.87 -40.89 22.11
C GLY A 340 8.17 -39.66 21.23
N ASP A 341 8.00 -39.81 19.92
CA ASP A 341 8.47 -38.82 18.95
C ASP A 341 7.72 -37.50 19.07
N ILE A 342 8.48 -36.42 18.80
CA ILE A 342 7.99 -35.04 18.78
C ILE A 342 7.67 -34.63 17.35
N THR A 343 6.46 -34.07 17.14
CA THR A 343 6.07 -33.68 15.80
C THR A 343 6.17 -32.17 15.62
N LEU A 344 6.02 -31.71 14.38
CA LEU A 344 6.04 -30.29 14.09
C LEU A 344 4.97 -29.55 14.88
N GLY A 345 3.76 -30.14 14.96
CA GLY A 345 2.65 -29.57 15.71
C GLY A 345 2.99 -29.44 17.19
N ASP A 346 3.62 -30.49 17.72
CA ASP A 346 4.10 -30.45 19.11
C ASP A 346 5.04 -29.27 19.29
N MET A 347 5.97 -29.09 18.35
CA MET A 347 6.93 -28.00 18.48
C MET A 347 6.25 -26.63 18.45
N TYR A 348 5.22 -26.51 17.60
CA TYR A 348 4.48 -25.26 17.48
C TYR A 348 3.71 -24.92 18.75
N SER A 349 3.46 -25.92 19.62
CA SER A 349 2.70 -25.64 20.84
CA SER A 349 2.72 -25.73 20.87
C SER A 349 3.58 -25.06 21.93
N LEU A 350 4.91 -25.11 21.76
CA LEU A 350 5.81 -24.62 22.79
C LEU A 350 5.80 -23.09 22.85
N THR A 351 5.47 -22.54 24.02
CA THR A 351 5.65 -21.11 24.26
C THR A 351 6.75 -20.90 25.30
N THR A 352 6.84 -21.81 26.26
CA THR A 352 7.93 -21.78 27.22
C THR A 352 8.56 -23.16 27.30
N LEU A 353 9.88 -23.20 27.53
CA LEU A 353 10.57 -24.48 27.61
C LEU A 353 11.78 -24.31 28.53
N THR A 354 11.94 -25.27 29.45
CA THR A 354 13.09 -25.31 30.34
C THR A 354 13.94 -26.53 29.95
N LEU A 355 15.25 -26.31 29.82
CA LEU A 355 16.15 -27.39 29.41
C LEU A 355 17.00 -27.84 30.58
N SER A 356 17.34 -29.13 30.56
CA SER A 356 18.30 -29.72 31.49
C SER A 356 19.18 -30.67 30.69
N GLY A 357 20.50 -30.50 30.84
CA GLY A 357 21.46 -31.46 30.31
C GLY A 357 21.71 -31.36 28.80
N VAL A 358 21.30 -30.26 28.17
CA VAL A 358 21.35 -30.14 26.72
C VAL A 358 22.71 -29.62 26.23
N GLU A 359 23.19 -30.23 25.14
CA GLU A 359 24.42 -29.81 24.46
C GLU A 359 24.13 -29.25 23.07
N ASP A 360 23.04 -29.73 22.43
CA ASP A 360 22.78 -29.43 21.03
C ASP A 360 21.32 -29.02 20.92
N LEU A 361 21.05 -27.83 20.39
CA LEU A 361 19.67 -27.32 20.29
C LEU A 361 18.99 -27.75 19.01
N THR A 362 19.64 -28.60 18.19
CA THR A 362 19.06 -29.02 16.92
C THR A 362 17.64 -29.57 17.13
N GLY A 363 16.71 -29.05 16.32
CA GLY A 363 15.30 -29.38 16.47
C GLY A 363 14.48 -28.16 16.87
N LEU A 364 15.09 -27.27 17.67
CA LEU A 364 14.35 -26.12 18.17
C LEU A 364 14.10 -25.07 17.08
N GLU A 365 14.73 -25.23 15.91
CA GLU A 365 14.46 -24.38 14.75
CA GLU A 365 14.45 -24.31 14.82
C GLU A 365 12.96 -24.40 14.44
N ASN A 366 12.29 -25.49 14.86
CA ASN A 366 10.89 -25.68 14.55
C ASN A 366 9.95 -25.07 15.58
N ALA A 367 10.48 -24.51 16.68
CA ALA A 367 9.64 -24.00 17.75
C ALA A 367 9.23 -22.56 17.44
N LYS A 368 8.39 -22.39 16.42
CA LYS A 368 8.18 -21.07 15.85
C LYS A 368 7.53 -20.12 16.88
N ASN A 369 6.80 -20.67 17.86
CA ASN A 369 6.05 -19.85 18.79
C ASN A 369 6.77 -19.64 20.11
N LEU A 370 8.04 -20.09 20.21
CA LEU A 370 8.71 -20.08 21.49
C LEU A 370 8.97 -18.64 21.94
N GLU A 371 8.58 -18.33 23.18
CA GLU A 371 8.69 -16.99 23.74
C GLU A 371 9.78 -16.95 24.81
N THR A 372 9.92 -18.06 25.54
CA THR A 372 10.80 -18.14 26.70
C THR A 372 11.56 -19.46 26.64
N LEU A 373 12.90 -19.38 26.77
CA LEU A 373 13.74 -20.57 26.86
C LEU A 373 14.63 -20.44 28.08
N ASN A 374 14.42 -21.34 29.05
CA ASN A 374 15.17 -21.34 30.30
C ASN A 374 16.24 -22.43 30.23
N MET A 375 17.49 -22.03 29.99
CA MET A 375 18.53 -23.03 29.78
C MET A 375 19.83 -22.61 30.46
N ASP A 376 19.72 -21.88 31.58
CA ASP A 376 20.92 -21.66 32.38
C ASP A 376 21.54 -23.02 32.79
N TYR A 377 22.87 -23.05 32.98
CA TYR A 377 23.59 -24.23 33.45
C TYR A 377 23.32 -25.47 32.60
N ASN A 378 23.19 -25.27 31.29
CA ASN A 378 23.23 -26.37 30.32
C ASN A 378 24.64 -26.44 29.71
N GLU A 379 24.77 -27.08 28.54
CA GLU A 379 26.07 -27.40 27.98
C GLU A 379 26.13 -26.96 26.52
N VAL A 380 25.58 -25.77 26.22
CA VAL A 380 25.36 -25.35 24.84
C VAL A 380 26.38 -24.28 24.42
N LYS A 381 27.03 -24.49 23.25
CA LYS A 381 27.99 -23.53 22.73
C LYS A 381 27.50 -22.85 21.45
N ASP A 382 26.27 -23.15 21.01
CA ASP A 382 25.83 -22.68 19.70
C ASP A 382 24.32 -22.39 19.74
N LEU A 383 23.98 -21.09 19.69
CA LEU A 383 22.57 -20.71 19.74
C LEU A 383 21.97 -20.56 18.34
N ARG A 384 22.73 -20.88 17.28
CA ARG A 384 22.24 -20.62 15.93
C ARG A 384 20.92 -21.32 15.61
N PRO A 385 20.61 -22.53 16.13
CA PRO A 385 19.29 -23.13 15.90
C PRO A 385 18.12 -22.25 16.36
N LEU A 386 18.38 -21.27 17.23
CA LEU A 386 17.34 -20.36 17.70
C LEU A 386 17.24 -19.10 16.86
N SER A 387 18.09 -18.93 15.85
CA SER A 387 18.22 -17.65 15.14
C SER A 387 16.90 -17.13 14.56
N LYS A 388 16.05 -18.01 14.04
CA LYS A 388 14.86 -17.55 13.31
C LYS A 388 13.60 -17.65 14.16
N LEU A 389 13.77 -17.81 15.48
CA LEU A 389 12.62 -17.87 16.38
C LEU A 389 12.26 -16.45 16.76
N LYS A 390 11.23 -15.91 16.08
CA LYS A 390 11.02 -14.47 16.01
C LYS A 390 10.39 -13.95 17.30
N LYS A 391 9.84 -14.84 18.13
CA LYS A 391 9.11 -14.44 19.31
C LYS A 391 9.91 -14.69 20.58
N LEU A 392 11.17 -15.11 20.42
CA LEU A 392 11.98 -15.52 21.57
C LEU A 392 12.59 -14.30 22.26
N ASN A 393 11.76 -13.69 23.11
CA ASN A 393 12.08 -12.44 23.77
C ASN A 393 12.71 -12.67 25.13
N THR A 394 12.65 -13.89 25.64
CA THR A 394 13.28 -14.17 26.91
C THR A 394 14.18 -15.40 26.79
N LEU A 395 15.50 -15.17 26.73
CA LEU A 395 16.46 -16.25 26.64
C LEU A 395 17.36 -16.20 27.86
N ASN A 396 17.28 -17.26 28.66
CA ASN A 396 18.12 -17.41 29.85
C ASN A 396 19.13 -18.51 29.56
N ALA A 397 20.38 -18.13 29.27
CA ALA A 397 21.36 -19.10 28.84
C ALA A 397 22.72 -18.84 29.48
N GLN A 398 22.70 -18.49 30.78
CA GLN A 398 23.94 -18.19 31.48
C GLN A 398 24.57 -19.45 32.06
N GLU A 399 25.88 -19.36 32.32
CA GLU A 399 26.64 -20.37 33.03
C GLU A 399 26.59 -21.74 32.34
N GLN A 400 26.73 -21.73 31.01
CA GLN A 400 26.95 -22.99 30.30
C GLN A 400 28.32 -23.56 30.66
N PHE A 401 28.41 -24.90 30.72
CA PHE A 401 29.70 -25.57 30.75
C PHE A 401 29.74 -26.61 29.63
N ILE A 402 30.69 -26.42 28.69
CA ILE A 402 30.79 -27.29 27.52
C ILE A 402 32.12 -28.04 27.56
N ALA A 403 32.05 -29.35 27.85
CA ALA A 403 33.25 -30.19 27.81
C ALA A 403 33.49 -30.57 26.35
N ALA A 404 34.49 -29.91 25.73
CA ALA A 404 34.67 -29.99 24.29
C ALA A 404 35.70 -31.06 23.90
N GLY A 405 36.24 -31.76 24.91
CA GLY A 405 37.05 -32.95 24.68
C GLY A 405 38.55 -32.68 24.68
N GLU A 406 39.30 -33.65 24.14
CA GLU A 406 40.76 -33.64 24.10
C GLU A 406 41.23 -33.01 22.79
N LEU A 407 42.32 -32.25 22.89
CA LEU A 407 43.07 -31.82 21.72
C LEU A 407 44.34 -32.64 21.65
N LYS A 408 44.62 -33.17 20.45
CA LYS A 408 45.76 -34.04 20.19
C LYS A 408 46.86 -33.19 19.56
N PRO A 409 48.05 -33.08 20.20
CA PRO A 409 49.15 -32.31 19.62
C PRO A 409 49.57 -32.90 18.29
N SER A 410 49.87 -32.00 17.35
CA SER A 410 50.48 -32.36 16.08
C SER A 410 51.45 -31.24 15.73
N ASN A 411 52.62 -31.59 15.17
CA ASN A 411 53.61 -30.60 14.79
C ASN A 411 54.02 -29.76 16.00
N GLY A 412 54.00 -30.37 17.20
CA GLY A 412 54.46 -29.71 18.42
C GLY A 412 53.54 -28.58 18.89
N LYS A 413 52.27 -28.64 18.46
CA LYS A 413 51.30 -27.63 18.86
C LYS A 413 49.94 -28.28 19.06
N VAL A 414 49.07 -27.57 19.78
CA VAL A 414 47.65 -27.92 19.76
C VAL A 414 46.89 -26.75 19.17
N ILE A 415 45.91 -27.07 18.32
CA ILE A 415 45.08 -26.06 17.69
C ILE A 415 43.62 -26.42 18.03
N GLY A 416 42.90 -25.46 18.61
CA GLY A 416 41.51 -25.71 18.96
C GLY A 416 40.56 -24.63 18.47
N ASP A 417 39.29 -25.03 18.31
CA ASP A 417 38.21 -24.15 17.91
C ASP A 417 37.71 -23.38 19.14
N SER A 418 37.65 -22.04 19.02
CA SER A 418 37.14 -21.25 20.13
C SER A 418 35.94 -20.42 19.70
N LYS A 419 35.16 -20.94 18.76
CA LYS A 419 33.94 -20.28 18.32
C LYS A 419 32.78 -20.71 19.22
N VAL A 420 32.15 -19.73 19.87
CA VAL A 420 30.92 -19.94 20.62
C VAL A 420 29.92 -18.96 20.03
N TYR A 421 28.84 -19.49 19.46
CA TYR A 421 27.98 -18.68 18.60
C TYR A 421 26.72 -18.20 19.34
N ASN A 422 26.46 -16.89 19.25
CA ASN A 422 25.14 -16.38 19.61
C ASN A 422 24.14 -16.59 18.48
N ARG A 423 22.93 -16.05 18.65
CA ARG A 423 21.87 -16.29 17.67
C ARG A 423 22.22 -15.67 16.32
N GLU A 424 22.96 -14.57 16.34
CA GLU A 424 23.37 -13.82 15.15
C GLU A 424 24.54 -14.52 14.45
N GLY A 425 25.05 -15.61 15.04
CA GLY A 425 26.19 -16.30 14.45
C GLY A 425 27.52 -15.60 14.73
N LYS A 426 27.50 -14.66 15.68
CA LYS A 426 28.71 -13.99 16.14
C LYS A 426 29.43 -14.88 17.14
N ASN A 427 30.76 -14.91 17.04
CA ASN A 427 31.58 -15.57 18.03
C ASN A 427 31.69 -14.66 19.25
N VAL A 428 31.13 -15.13 20.38
CA VAL A 428 31.07 -14.34 21.59
C VAL A 428 32.12 -14.80 22.60
N ALA A 429 33.02 -15.71 22.19
CA ALA A 429 34.16 -16.04 23.04
C ALA A 429 34.96 -14.77 23.35
N LYS A 430 35.44 -14.67 24.59
CA LYS A 430 36.11 -13.46 25.05
C LYS A 430 37.59 -13.72 25.36
N THR A 431 37.88 -14.77 26.13
CA THR A 431 39.26 -14.98 26.57
C THR A 431 39.57 -16.48 26.55
N ILE A 432 40.85 -16.79 26.34
CA ILE A 432 41.38 -18.14 26.42
C ILE A 432 42.36 -18.15 27.60
N ARG A 433 42.23 -19.14 28.48
CA ARG A 433 43.14 -19.33 29.61
C ARG A 433 43.62 -20.78 29.60
N VAL A 434 44.94 -20.97 29.63
CA VAL A 434 45.54 -22.29 29.67
C VAL A 434 46.10 -22.49 31.08
N VAL A 435 45.72 -23.62 31.69
CA VAL A 435 45.96 -23.86 33.10
C VAL A 435 46.68 -25.21 33.25
N ASP A 436 47.72 -25.24 34.10
CA ASP A 436 48.47 -26.46 34.33
C ASP A 436 47.77 -27.31 35.39
N LYS A 437 48.41 -28.42 35.76
CA LYS A 437 47.82 -29.41 36.64
C LYS A 437 47.69 -28.83 38.06
N ASN A 438 48.39 -27.73 38.33
CA ASN A 438 48.40 -27.15 39.66
C ASN A 438 47.51 -25.91 39.73
N GLY A 439 46.76 -25.67 38.64
CA GLY A 439 45.79 -24.59 38.56
C GLY A 439 46.41 -23.24 38.24
N ASN A 440 47.69 -23.23 37.83
CA ASN A 440 48.39 -22.01 37.46
C ASN A 440 48.02 -21.66 36.03
N THR A 441 47.65 -20.39 35.80
CA THR A 441 47.49 -19.88 34.44
C THR A 441 48.87 -19.74 33.81
N ILE A 442 49.06 -20.37 32.65
CA ILE A 442 50.37 -20.30 32.01
C ILE A 442 50.27 -19.46 30.74
N LEU A 443 49.08 -19.34 30.16
CA LEU A 443 48.84 -18.47 29.02
C LEU A 443 47.42 -17.92 29.14
N GLU A 444 47.25 -16.65 28.77
CA GLU A 444 45.95 -16.00 28.70
C GLU A 444 45.99 -15.02 27.53
N GLN A 445 44.97 -15.08 26.66
CA GLN A 445 44.88 -14.18 25.52
C GLN A 445 43.41 -13.88 25.25
N ASP A 446 43.16 -12.78 24.53
CA ASP A 446 41.85 -12.54 23.95
C ASP A 446 41.49 -13.66 22.97
N ALA A 447 40.22 -14.07 22.99
CA ALA A 447 39.79 -15.15 22.12
C ALA A 447 39.60 -14.66 20.69
N LYS A 448 39.99 -15.52 19.75
CA LYS A 448 39.65 -15.43 18.35
C LYS A 448 38.81 -16.65 17.99
N ASP A 449 38.75 -16.99 16.70
CA ASP A 449 37.97 -18.14 16.26
C ASP A 449 38.71 -19.46 16.52
N GLU A 450 40.05 -19.38 16.57
CA GLU A 450 40.88 -20.53 16.89
C GLU A 450 42.02 -20.08 17.79
N PHE A 451 42.65 -21.04 18.48
CA PHE A 451 43.85 -20.79 19.26
C PHE A 451 44.88 -21.87 18.93
N THR A 452 46.13 -21.49 19.10
CA THR A 452 47.26 -22.39 18.88
C THR A 452 48.19 -22.25 20.08
N ILE A 453 48.56 -23.40 20.67
CA ILE A 453 49.42 -23.44 21.84
C ILE A 453 50.64 -24.30 21.48
N ASN A 454 51.83 -23.74 21.70
CA ASN A 454 53.07 -24.47 21.54
C ASN A 454 53.19 -25.49 22.68
N THR A 455 53.33 -26.78 22.35
CA THR A 455 53.46 -27.77 23.40
C THR A 455 54.91 -28.21 23.61
N LYS A 456 55.84 -27.76 22.75
CA LYS A 456 57.23 -28.16 22.83
C LYS A 456 57.89 -27.65 24.11
N ASP A 457 57.45 -26.49 24.63
CA ASP A 457 58.13 -25.94 25.79
C ASP A 457 57.34 -26.18 27.08
N LEU A 458 56.32 -27.04 27.04
CA LEU A 458 55.56 -27.34 28.24
C LEU A 458 56.08 -28.61 28.91
N SER A 459 56.12 -28.57 30.25
CA SER A 459 56.37 -29.74 31.07
C SER A 459 55.29 -30.80 30.80
N SER A 460 55.68 -32.08 30.89
CA SER A 460 54.79 -33.22 30.75
C SER A 460 53.62 -33.11 31.72
N GLY A 461 52.46 -33.59 31.27
CA GLY A 461 51.28 -33.62 32.11
C GLY A 461 50.06 -33.03 31.40
N LEU A 462 48.97 -32.89 32.18
CA LEU A 462 47.68 -32.50 31.67
C LEU A 462 47.51 -31.00 31.79
N TYR A 463 46.89 -30.41 30.75
CA TYR A 463 46.59 -29.01 30.72
C TYR A 463 45.13 -28.81 30.35
N GLY A 464 44.54 -27.76 30.91
CA GLY A 464 43.17 -27.39 30.58
C GLY A 464 43.15 -26.05 29.82
N VAL A 465 42.26 -25.97 28.82
CA VAL A 465 42.05 -24.72 28.10
C VAL A 465 40.62 -24.26 28.40
N HIS A 466 40.50 -23.08 29.00
CA HIS A 466 39.21 -22.51 29.34
C HIS A 466 38.90 -21.38 28.36
N VAL A 467 37.82 -21.55 27.59
CA VAL A 467 37.34 -20.53 26.68
C VAL A 467 36.14 -19.87 27.34
N LEU A 468 36.35 -18.66 27.89
CA LEU A 468 35.31 -17.90 28.58
C LEU A 468 34.53 -17.08 27.56
N PHE A 469 33.19 -17.11 27.65
CA PHE A 469 32.40 -16.34 26.71
C PHE A 469 31.26 -15.66 27.46
N GLU A 470 30.75 -14.58 26.85
CA GLU A 470 29.75 -13.75 27.46
C GLU A 470 29.08 -12.91 26.38
N ASP A 471 27.75 -12.82 26.49
CA ASP A 471 26.90 -12.04 25.61
C ASP A 471 25.59 -11.85 26.35
N GLU A 472 24.74 -10.93 25.88
CA GLU A 472 23.38 -10.80 26.40
C GLU A 472 22.72 -12.16 26.59
N GLY A 473 22.51 -12.51 27.86
CA GLY A 473 21.77 -13.70 28.25
C GLY A 473 22.51 -15.03 28.07
N PHE A 474 23.76 -15.01 27.60
CA PHE A 474 24.45 -16.23 27.18
C PHE A 474 25.90 -16.14 27.63
N SER A 475 26.32 -17.09 28.48
CA SER A 475 27.65 -17.03 29.05
C SER A 475 28.08 -18.44 29.46
N GLY A 476 29.39 -18.59 29.66
CA GLY A 476 29.86 -19.86 30.18
C GLY A 476 31.32 -20.08 29.88
N VAL A 477 31.71 -21.36 29.94
CA VAL A 477 33.06 -21.80 29.65
C VAL A 477 32.99 -23.03 28.76
N MET A 478 33.79 -23.02 27.69
CA MET A 478 34.05 -24.20 26.88
C MET A 478 35.45 -24.70 27.24
N PHE A 479 35.55 -26.01 27.54
CA PHE A 479 36.76 -26.52 28.14
C PHE A 479 37.35 -27.63 27.26
N TYR A 480 38.67 -27.53 27.01
CA TYR A 480 39.41 -28.59 26.35
C TYR A 480 40.51 -29.10 27.27
N LEU A 481 40.93 -30.36 27.07
CA LEU A 481 42.06 -30.94 27.76
C LEU A 481 43.13 -31.27 26.72
N PHE A 482 44.40 -31.16 27.10
CA PHE A 482 45.44 -31.82 26.31
C PHE A 482 46.53 -32.37 27.21
N ASN A 483 47.19 -33.43 26.70
CA ASN A 483 48.23 -34.13 27.44
C ASN A 483 49.59 -33.93 26.75
N VAL A 484 50.60 -33.52 27.53
CA VAL A 484 51.96 -33.37 27.04
C VAL A 484 52.81 -34.51 27.63
CA CA B . -24.01 40.63 -21.94
C1 NAG C . -13.27 47.26 -22.97
C2 NAG C . -13.54 45.96 -22.21
C3 NAG C . -15.00 45.53 -22.36
C4 NAG C . -16.00 46.67 -22.09
C5 NAG C . -15.57 47.94 -22.82
C6 NAG C . -16.40 49.15 -22.40
C7 NAG C . -11.75 44.37 -21.90
C8 NAG C . -10.99 43.22 -22.48
N2 NAG C . -12.68 44.89 -22.69
O1 NAG C . -11.95 47.74 -22.70
O3 NAG C . -15.33 44.48 -21.40
O4 NAG C . -17.29 46.23 -22.55
O5 NAG C . -14.20 48.23 -22.49
O6 NAG C . -15.96 50.29 -23.18
O7 NAG C . -11.51 44.81 -20.78
C1 EDO D . -14.65 20.93 -13.43
O1 EDO D . -14.34 19.62 -12.92
C2 EDO D . -13.52 21.54 -14.17
O2 EDO D . -13.11 20.82 -15.31
C1 EDO E . -25.71 48.67 -23.30
O1 EDO E . -26.82 47.91 -22.89
C2 EDO E . -24.42 48.30 -22.66
O2 EDO E . -24.53 48.05 -21.25
C1 EDO F . -26.42 12.28 -20.81
O1 EDO F . -27.18 12.47 -19.61
C2 EDO F . -26.69 13.29 -21.86
O2 EDO F . -26.29 14.59 -21.50
C1 EDO G . -8.77 29.16 -38.56
O1 EDO G . -9.61 29.77 -39.52
C2 EDO G . -7.41 28.95 -39.12
O2 EDO G . -6.69 30.16 -39.25
P PO4 H . -12.83 16.15 -10.00
O1 PO4 H . -12.41 17.10 -11.15
O2 PO4 H . -11.85 16.30 -8.83
O3 PO4 H . -12.78 14.71 -10.50
O4 PO4 H . -14.25 16.51 -9.53
C TRS I . 0.48 28.22 -20.62
C TRS I . 0.78 28.42 -20.78
C1 TRS I . 1.91 28.12 -21.12
C1 TRS I . 2.26 28.57 -21.14
C2 TRS I . -0.41 27.21 -21.34
C2 TRS I . 0.03 27.58 -21.78
C3 TRS I . -0.04 29.64 -20.83
C3 TRS I . 0.14 29.80 -20.67
N TRS I . 0.45 27.92 -19.15
N TRS I . 0.69 27.75 -19.44
O1 TRS I . 2.00 28.45 -22.49
O1 TRS I . 2.44 28.66 -22.54
O2 TRS I . 0.28 25.99 -21.60
O2 TRS I . -1.29 27.32 -21.30
O3 TRS I . 0.56 30.54 -19.91
O3 TRS I . 0.71 30.53 -19.60
#